data_9QQV
#
_entry.id   9QQV
#
_cell.length_a   281.495
_cell.length_b   281.495
_cell.length_c   281.495
_cell.angle_alpha   90.000
_cell.angle_beta   90.000
_cell.angle_gamma   90.000
#
_symmetry.space_group_name_H-M   'F 4 3 2'
#
loop_
_entity.id
_entity.type
_entity.pdbx_description
1 polymer 'Envelope phospholipase OPG057'
2 non-polymer GLYCEROL
3 non-polymer 'CITRIC ACID'
4 non-polymer 4-(azepan-1-ylcarbonyl)-~{N}-(2-chloranyl-4-methyl-phenyl)-1,2,5-trimethyl-pyrrole-3-sulfonamide
5 water water
#
_entity_poly.entity_id   1
_entity_poly.type   'polypeptide(L)'
_entity_poly.pdbx_seq_one_letter_code
;HHHHHHHHGSGAGWSHPQFEKGGSGLVPRGSGSVPAGAKCRLVETLPENMDFRSDHLTTFECFNEIITLAKKYIYIASFC
CNPLSTTRGALIFDKLKEASEKGIKIIVLLDERGKRNLGELQSHCPDINFITVNIDKKNNVGLLLGCFWVSDDERCYVGN
ASFTGGSIHTIKTLGVYSDYPPLATDLRRRFDTFKAFNSAKNSAANLASAAAALPVSTAYHIKNPIGGVFFTDSPEHLLG
YSRDLDTDVVIDKLKSAKTSIDIEHLAIVPTTRVDGNSYYWPDIYNSIIEAAINRGVKIRLLVGNWDKNDVYSMATARSL
DALCVQNDLSVKVFTIQNNTKLLIVDDEYVHITSANFDGTHYQNHGFVSFNSIDKQLVSEAKKIFERDWVSSHSKSLKI
;
_entity_poly.pdbx_strand_id   A
#
loop_
_chem_comp.id
_chem_comp.type
_chem_comp.name
_chem_comp.formula
A1I9D non-polymer 4-(azepan-1-ylcarbonyl)-~{N}-(2-chloranyl-4-methyl-phenyl)-1,2,5-trimethyl-pyrrole-3-sulfonamide 'C21 H28 Cl N3 O3 S'
CIT non-polymer 'CITRIC ACID' 'C6 H8 O7'
GOL non-polymer GLYCEROL 'C3 H8 O3'
#
# COMPACT_ATOMS: atom_id res chain seq x y z
N SER A 33 -24.17 -4.07 17.48
CA SER A 33 -23.48 -5.03 16.63
C SER A 33 -22.33 -4.36 15.88
N VAL A 34 -21.68 -5.14 15.00
CA VAL A 34 -20.55 -4.66 14.21
C VAL A 34 -21.01 -4.55 12.76
N PRO A 35 -20.79 -3.42 12.10
CA PRO A 35 -21.22 -3.28 10.70
C PRO A 35 -20.36 -4.11 9.77
N ALA A 36 -21.00 -4.61 8.70
CA ALA A 36 -20.29 -5.38 7.71
C ALA A 36 -19.34 -4.48 6.90
N GLY A 37 -18.14 -4.97 6.66
CA GLY A 37 -17.12 -4.20 5.99
C GLY A 37 -16.37 -3.22 6.85
N ALA A 38 -16.80 -3.02 8.10
CA ALA A 38 -16.12 -2.12 9.05
C ALA A 38 -16.07 -0.69 8.54
N LYS A 39 -17.18 -0.23 7.94
CA LYS A 39 -17.33 1.15 7.48
C LYS A 39 -16.24 1.55 6.50
N CYS A 40 -15.86 0.60 5.64
CA CYS A 40 -14.77 0.81 4.68
C CYS A 40 -15.33 1.16 3.31
N ARG A 41 -14.71 2.15 2.66
CA ARG A 41 -15.06 2.55 1.31
C ARG A 41 -13.78 2.80 0.53
N LEU A 42 -13.85 2.59 -0.78
CA LEU A 42 -12.66 2.68 -1.62
C LEU A 42 -12.29 4.14 -1.89
N VAL A 43 -10.98 4.39 -1.93
CA VAL A 43 -10.44 5.72 -2.21
C VAL A 43 -9.28 5.55 -3.18
N GLU A 44 -9.21 6.42 -4.18
CA GLU A 44 -8.13 6.32 -5.17
C GLU A 44 -7.91 7.69 -5.81
N THR A 45 -6.78 7.81 -6.50
CA THR A 45 -6.42 9.00 -7.24
C THR A 45 -6.52 8.70 -8.73
N LEU A 46 -7.33 9.49 -9.43
CA LEU A 46 -7.50 9.34 -10.88
C LEU A 46 -7.13 10.65 -11.56
N PRO A 47 -5.92 10.78 -12.09
CA PRO A 47 -5.51 12.05 -12.71
C PRO A 47 -6.37 12.40 -13.91
N GLU A 48 -6.34 13.69 -14.27
CA GLU A 48 -7.16 14.18 -15.38
C GLU A 48 -6.66 13.66 -16.72
N ASN A 49 -5.34 13.54 -16.88
CA ASN A 49 -4.76 13.05 -18.12
C ASN A 49 -4.91 11.56 -18.31
N MET A 50 -5.59 10.86 -17.40
CA MET A 50 -5.83 9.43 -17.50
C MET A 50 -7.31 9.16 -17.63
N ASP A 51 -7.66 8.11 -18.35
CA ASP A 51 -9.05 7.77 -18.63
C ASP A 51 -9.74 7.04 -17.49
N PHE A 52 -9.14 7.00 -16.30
CA PHE A 52 -9.73 6.30 -15.16
C PHE A 52 -10.86 7.15 -14.57
N ARG A 53 -12.06 6.57 -14.49
CA ARG A 53 -13.22 7.23 -13.92
C ARG A 53 -13.88 6.32 -12.90
N SER A 54 -14.34 6.90 -11.79
CA SER A 54 -15.02 6.13 -10.77
C SER A 54 -15.83 7.07 -9.90
N ASP A 55 -16.78 6.49 -9.17
CA ASP A 55 -17.63 7.24 -8.24
C ASP A 55 -17.14 7.14 -6.81
N HIS A 56 -15.98 6.54 -6.58
CA HIS A 56 -15.45 6.40 -5.24
C HIS A 56 -14.89 7.73 -4.73
N LEU A 57 -14.58 7.76 -3.44
CA LEU A 57 -13.98 8.94 -2.84
C LEU A 57 -12.56 9.14 -3.38
N THR A 58 -12.22 10.38 -3.71
CA THR A 58 -10.87 10.65 -4.18
C THR A 58 -9.92 10.81 -3.01
N THR A 59 -8.62 10.66 -3.29
CA THR A 59 -7.63 10.81 -2.24
C THR A 59 -7.57 12.25 -1.73
N PHE A 60 -7.76 13.23 -2.62
CA PHE A 60 -7.80 14.62 -2.19
C PHE A 60 -8.98 14.88 -1.28
N GLU A 61 -10.15 14.32 -1.62
CA GLU A 61 -11.32 14.46 -0.74
C GLU A 61 -11.12 13.70 0.56
N CYS A 62 -10.39 12.59 0.53
CA CYS A 62 -10.20 11.78 1.73
C CYS A 62 -9.29 12.48 2.73
N PHE A 63 -8.14 12.97 2.28
CA PHE A 63 -7.24 13.68 3.17
C PHE A 63 -7.86 14.98 3.69
N ASN A 64 -8.66 15.64 2.86
CA ASN A 64 -9.30 16.88 3.28
C ASN A 64 -10.39 16.61 4.32
N GLU A 65 -11.02 15.44 4.28
CA GLU A 65 -12.04 15.10 5.26
C GLU A 65 -11.41 14.74 6.60
N ILE A 66 -10.27 14.06 6.59
CA ILE A 66 -9.59 13.70 7.84
C ILE A 66 -9.14 14.96 8.57
N ILE A 67 -8.65 15.95 7.82
CA ILE A 67 -8.17 17.18 8.45
C ILE A 67 -9.34 18.01 8.97
N THR A 68 -10.43 18.08 8.20
CA THR A 68 -11.58 18.88 8.61
C THR A 68 -12.24 18.32 9.85
N LEU A 69 -12.46 17.00 9.89
CA LEU A 69 -13.09 16.35 11.02
C LEU A 69 -12.11 16.08 12.17
N ALA A 70 -10.87 16.56 12.06
CA ALA A 70 -9.88 16.30 13.10
C ALA A 70 -10.17 17.13 14.34
N LYS A 71 -10.21 16.48 15.50
CA LYS A 71 -10.42 17.16 16.77
C LYS A 71 -9.33 16.89 17.79
N LYS A 72 -8.51 15.85 17.62
CA LYS A 72 -7.46 15.52 18.58
C LYS A 72 -6.09 15.49 17.92
N TYR A 73 -5.82 14.51 17.06
CA TYR A 73 -4.50 14.37 16.45
C TYR A 73 -4.65 13.96 15.00
N ILE A 74 -3.56 14.09 14.25
CA ILE A 74 -3.46 13.60 12.87
C ILE A 74 -2.10 12.95 12.72
N TYR A 75 -2.09 11.63 12.57
CA TYR A 75 -0.85 10.86 12.42
C TYR A 75 -0.72 10.40 10.98
N ILE A 76 0.37 10.76 10.35
CA ILE A 76 0.64 10.43 8.95
C ILE A 76 1.97 9.69 8.88
N ALA A 77 2.06 8.69 8.01
CA ALA A 77 3.29 7.94 7.82
C ALA A 77 3.43 7.55 6.37
N SER A 78 4.63 7.70 5.83
CA SER A 78 4.93 7.33 4.45
C SER A 78 6.46 7.33 4.30
N PHE A 79 6.93 6.93 3.13
CA PHE A 79 8.36 6.95 2.84
C PHE A 79 8.84 8.37 2.56
N CYS A 80 8.50 8.90 1.39
CA CYS A 80 8.87 10.25 1.00
C CYS A 80 7.74 11.21 1.33
N CYS A 81 8.11 12.42 1.74
CA CYS A 81 7.15 13.47 2.08
C CYS A 81 7.48 14.70 1.25
N ASN A 82 6.61 15.03 0.30
CA ASN A 82 6.79 16.20 -0.55
C ASN A 82 5.45 16.65 -1.12
N PRO A 83 4.59 17.25 -0.30
CA PRO A 83 3.25 17.61 -0.80
C PRO A 83 3.26 18.78 -1.76
N LEU A 84 4.24 19.67 -1.67
CA LEU A 84 4.28 20.88 -2.49
C LEU A 84 4.62 20.62 -3.96
N SER A 85 4.67 19.37 -4.43
CA SER A 85 5.04 19.11 -5.82
C SER A 85 3.89 19.36 -6.79
N THR A 86 2.65 19.31 -6.34
CA THR A 86 1.50 19.54 -7.20
C THR A 86 0.58 20.56 -6.54
N THR A 87 -0.53 20.86 -7.23
CA THR A 87 -1.48 21.85 -6.72
C THR A 87 -2.34 21.26 -5.60
N ARG A 88 -2.96 20.11 -5.85
CA ARG A 88 -3.80 19.49 -4.82
C ARG A 88 -2.98 19.05 -3.62
N GLY A 89 -1.73 18.64 -3.82
CA GLY A 89 -0.88 18.30 -2.70
C GLY A 89 -0.55 19.49 -1.82
N ALA A 90 -0.48 20.69 -2.41
CA ALA A 90 -0.22 21.89 -1.63
C ALA A 90 -1.45 22.32 -0.84
N LEU A 91 -2.65 22.06 -1.37
CA LEU A 91 -3.86 22.41 -0.64
C LEU A 91 -4.02 21.54 0.60
N ILE A 92 -3.70 20.24 0.49
CA ILE A 92 -3.74 19.37 1.65
C ILE A 92 -2.70 19.80 2.68
N PHE A 93 -1.55 20.28 2.21
CA PHE A 93 -0.52 20.76 3.13
C PHE A 93 -0.94 22.06 3.81
N ASP A 94 -1.81 22.84 3.16
CA ASP A 94 -2.30 24.07 3.78
C ASP A 94 -3.39 23.78 4.80
N LYS A 95 -4.31 22.86 4.49
CA LYS A 95 -5.31 22.46 5.47
C LYS A 95 -4.66 21.81 6.68
N LEU A 96 -3.60 21.04 6.47
CA LEU A 96 -2.86 20.45 7.58
C LEU A 96 -2.10 21.50 8.36
N LYS A 97 -1.62 22.55 7.68
CA LYS A 97 -0.95 23.65 8.37
C LYS A 97 -1.91 24.39 9.29
N GLU A 98 -3.13 24.64 8.81
CA GLU A 98 -4.13 25.31 9.63
C GLU A 98 -4.57 24.45 10.81
N ALA A 99 -4.52 23.12 10.65
CA ALA A 99 -4.91 22.24 11.74
C ALA A 99 -3.90 22.28 12.88
N SER A 100 -2.61 22.29 12.56
CA SER A 100 -1.59 22.34 13.61
C SER A 100 -1.62 23.68 14.35
N GLU A 101 -2.06 24.74 13.69
CA GLU A 101 -2.18 26.04 14.34
C GLU A 101 -3.44 26.14 15.19
N LYS A 102 -4.44 25.30 14.95
CA LYS A 102 -5.66 25.29 15.76
C LYS A 102 -5.51 24.47 17.04
N GLY A 103 -4.43 23.72 17.19
CA GLY A 103 -4.21 22.95 18.39
C GLY A 103 -4.37 21.45 18.19
N ILE A 104 -3.95 20.96 17.02
CA ILE A 104 -4.03 19.55 16.68
C ILE A 104 -2.63 18.99 16.62
N LYS A 105 -2.36 17.95 17.42
CA LYS A 105 -1.06 17.31 17.43
C LYS A 105 -0.87 16.52 16.14
N ILE A 106 -0.02 17.01 15.25
CA ILE A 106 0.20 16.41 13.94
C ILE A 106 1.63 15.87 13.91
N ILE A 107 1.77 14.56 13.74
CA ILE A 107 3.06 13.89 13.66
C ILE A 107 3.17 13.21 12.31
N VAL A 108 4.27 13.47 11.60
CA VAL A 108 4.51 12.94 10.26
C VAL A 108 5.75 12.06 10.33
N LEU A 109 5.56 10.76 10.11
CA LEU A 109 6.67 9.81 10.06
C LEU A 109 7.13 9.65 8.62
N LEU A 110 8.43 9.74 8.40
CA LEU A 110 9.02 9.53 7.08
C LEU A 110 10.36 8.86 7.25
N ASP A 111 10.70 7.96 6.32
CA ASP A 111 11.99 7.29 6.37
C ASP A 111 13.11 8.29 6.18
N GLU A 112 14.25 8.01 6.80
CA GLU A 112 15.38 8.93 6.79
C GLU A 112 15.98 9.13 5.39
N ARG A 113 15.52 8.37 4.39
CA ARG A 113 15.96 8.58 3.02
C ARG A 113 15.06 9.54 2.25
N GLY A 114 13.85 9.78 2.74
CA GLY A 114 12.99 10.81 2.18
C GLY A 114 13.17 12.13 2.92
N LYS A 115 14.35 12.29 3.52
CA LYS A 115 14.68 13.45 4.34
C LYS A 115 15.14 14.65 3.52
N ARG A 116 15.12 14.54 2.18
CA ARG A 116 15.62 15.63 1.35
C ARG A 116 14.76 16.88 1.48
N ASN A 117 13.44 16.71 1.64
CA ASN A 117 12.52 17.83 1.74
C ASN A 117 12.23 18.23 3.17
N LEU A 118 13.00 17.73 4.14
CA LEU A 118 12.69 17.99 5.54
C LEU A 118 12.84 19.47 5.88
N GLY A 119 13.91 20.10 5.39
CA GLY A 119 14.09 21.53 5.63
C GLY A 119 13.01 22.37 4.98
N GLU A 120 12.47 21.91 3.85
CA GLU A 120 11.39 22.64 3.19
C GLU A 120 10.08 22.51 3.94
N LEU A 121 9.85 21.37 4.60
CA LEU A 121 8.60 21.15 5.30
C LEU A 121 8.53 21.94 6.60
N GLN A 122 9.58 21.85 7.42
CA GLN A 122 9.56 22.51 8.72
C GLN A 122 9.54 24.02 8.59
N SER A 123 10.09 24.56 7.50
CA SER A 123 10.04 26.00 7.28
C SER A 123 8.63 26.49 6.98
N HIS A 124 7.76 25.61 6.50
CA HIS A 124 6.38 25.98 6.20
C HIS A 124 5.41 25.66 7.32
N CYS A 125 5.68 24.62 8.10
CA CYS A 125 4.84 24.21 9.21
C CYS A 125 5.71 24.01 10.44
N PRO A 126 5.93 25.07 11.22
CA PRO A 126 6.74 24.92 12.44
C PRO A 126 6.04 24.15 13.54
N ASP A 127 4.72 24.03 13.49
CA ASP A 127 3.98 23.31 14.52
C ASP A 127 3.89 21.81 14.26
N ILE A 128 3.87 21.40 12.99
CA ILE A 128 3.83 19.97 12.67
C ILE A 128 5.17 19.34 13.03
N ASN A 129 5.11 18.26 13.80
CA ASN A 129 6.31 17.56 14.23
C ASN A 129 6.67 16.50 13.19
N PHE A 130 7.81 16.69 12.54
CA PHE A 130 8.31 15.73 11.57
C PHE A 130 9.37 14.84 12.22
N ILE A 131 9.28 13.54 11.95
CA ILE A 131 10.13 12.54 12.60
C ILE A 131 10.75 11.65 11.52
N THR A 132 12.07 11.55 11.53
CA THR A 132 12.78 10.65 10.64
C THR A 132 12.92 9.29 11.30
N VAL A 133 12.56 8.24 10.57
CA VAL A 133 12.50 6.88 11.09
C VAL A 133 13.41 5.99 10.25
N ASN A 134 14.21 5.17 10.93
CA ASN A 134 15.03 4.15 10.28
C ASN A 134 14.77 2.83 11.02
N ILE A 135 13.83 2.05 10.50
CA ILE A 135 13.42 0.82 11.17
C ILE A 135 14.52 -0.24 11.14
N ASP A 136 15.51 -0.10 10.27
CA ASP A 136 16.60 -1.06 10.13
C ASP A 136 17.92 -0.30 10.26
N LYS A 137 18.42 -0.21 11.50
CA LYS A 137 19.73 0.36 11.75
C LYS A 137 20.83 -0.69 11.82
N LYS A 138 20.48 -1.97 11.79
CA LYS A 138 21.47 -3.03 11.79
C LYS A 138 22.11 -3.21 10.43
N ASN A 139 21.29 -3.23 9.37
CA ASN A 139 21.78 -3.44 8.02
C ASN A 139 21.43 -2.31 7.06
N ASN A 140 20.57 -1.37 7.46
CA ASN A 140 20.18 -0.23 6.62
C ASN A 140 19.60 -0.70 5.28
N VAL A 141 18.61 -1.57 5.36
CA VAL A 141 17.93 -2.10 4.18
C VAL A 141 16.44 -1.86 4.32
N GLY A 142 15.90 -2.09 5.51
CA GLY A 142 14.48 -1.91 5.72
C GLY A 142 14.08 -0.45 5.65
N LEU A 143 13.12 -0.14 4.80
CA LEU A 143 12.62 1.21 4.61
C LEU A 143 11.22 1.34 5.21
N LEU A 144 10.91 2.56 5.65
CA LEU A 144 9.60 2.83 6.22
C LEU A 144 8.61 3.11 5.10
N LEU A 145 7.64 2.22 4.92
CA LEU A 145 6.56 2.46 3.98
C LEU A 145 5.31 2.86 4.75
N GLY A 146 4.53 1.88 5.19
CA GLY A 146 3.32 2.13 5.94
C GLY A 146 2.22 2.74 5.09
N CYS A 147 2.35 4.05 4.82
CA CYS A 147 1.45 4.79 3.94
C CYS A 147 0.00 4.70 4.44
N PHE A 148 -0.25 5.44 5.52
CA PHE A 148 -1.55 5.45 6.14
C PHE A 148 -1.73 6.70 6.98
N TRP A 149 -2.97 7.14 7.11
CA TRP A 149 -3.35 8.21 8.01
C TRP A 149 -4.25 7.66 9.10
N VAL A 150 -4.31 8.37 10.22
CA VAL A 150 -5.18 8.00 11.33
C VAL A 150 -5.40 9.23 12.21
N SER A 151 -6.66 9.48 12.57
CA SER A 151 -7.01 10.68 13.32
C SER A 151 -8.10 10.35 14.34
N ASP A 152 -7.91 10.80 15.57
CA ASP A 152 -8.85 10.71 16.68
C ASP A 152 -9.24 9.28 17.04
N ASP A 153 -8.48 8.28 16.57
CA ASP A 153 -8.83 6.87 16.77
C ASP A 153 -10.24 6.58 16.22
N GLU A 154 -10.59 7.26 15.13
CA GLU A 154 -11.90 7.13 14.52
C GLU A 154 -11.80 7.00 13.01
N ARG A 155 -11.19 7.99 12.36
CA ARG A 155 -11.02 7.99 10.91
C ARG A 155 -9.59 7.60 10.54
N CYS A 156 -9.45 7.00 9.36
CA CYS A 156 -8.15 6.53 8.91
C CYS A 156 -8.20 6.25 7.42
N TYR A 157 -7.02 6.25 6.81
CA TYR A 157 -6.84 5.87 5.41
C TYR A 157 -5.67 4.91 5.31
N VAL A 158 -5.85 3.84 4.52
CA VAL A 158 -4.80 2.84 4.31
C VAL A 158 -4.71 2.58 2.82
N GLY A 159 -3.57 2.92 2.22
CA GLY A 159 -3.38 2.68 0.81
C GLY A 159 -1.96 2.85 0.35
N ASN A 160 -1.77 3.20 -0.92
CA ASN A 160 -0.44 3.44 -1.49
C ASN A 160 -0.27 4.87 -1.96
N ALA A 161 -1.07 5.79 -1.43
CA ALA A 161 -0.97 7.22 -1.75
C ALA A 161 -0.13 7.88 -0.66
N SER A 162 1.17 8.03 -0.92
CA SER A 162 2.06 8.63 0.05
C SER A 162 1.73 10.10 0.26
N PHE A 163 2.40 10.72 1.24
CA PHE A 163 2.20 12.13 1.54
C PHE A 163 3.05 12.99 0.61
N THR A 164 2.83 12.80 -0.68
CA THR A 164 3.46 13.58 -1.73
C THR A 164 2.40 14.15 -2.66
N GLY A 165 2.71 15.28 -3.28
CA GLY A 165 1.78 15.86 -4.23
C GLY A 165 1.49 14.95 -5.40
N GLY A 166 2.45 14.10 -5.77
CA GLY A 166 2.21 13.17 -6.86
C GLY A 166 1.12 12.17 -6.53
N SER A 167 1.23 11.51 -5.37
CA SER A 167 0.24 10.51 -4.98
C SER A 167 -1.16 11.09 -4.83
N ILE A 168 -1.27 12.39 -4.56
CA ILE A 168 -2.56 13.01 -4.35
C ILE A 168 -3.17 13.51 -5.66
N HIS A 169 -2.34 13.88 -6.63
CA HIS A 169 -2.81 14.59 -7.81
C HIS A 169 -2.49 13.85 -9.10
N THR A 170 -1.21 13.59 -9.40
CA THR A 170 -0.80 13.17 -10.74
C THR A 170 -0.52 11.68 -10.87
N ILE A 171 -0.49 10.93 -9.77
CA ILE A 171 -0.15 9.52 -9.79
C ILE A 171 -1.36 8.71 -9.36
N LYS A 172 -1.68 7.67 -10.12
CA LYS A 172 -2.79 6.79 -9.77
C LYS A 172 -2.46 6.00 -8.53
N THR A 173 -3.33 6.07 -7.52
CA THR A 173 -3.17 5.34 -6.27
C THR A 173 -4.43 4.56 -5.97
N LEU A 174 -4.44 3.89 -4.82
CA LEU A 174 -5.57 3.10 -4.37
C LEU A 174 -5.46 2.89 -2.87
N GLY A 175 -6.61 2.85 -2.21
CA GLY A 175 -6.63 2.73 -0.77
C GLY A 175 -8.05 2.60 -0.27
N VAL A 176 -8.18 2.63 1.06
CA VAL A 176 -9.47 2.47 1.73
C VAL A 176 -9.57 3.49 2.86
N TYR A 177 -10.72 4.13 2.97
CA TYR A 177 -11.01 5.05 4.07
C TYR A 177 -12.10 4.46 4.95
N SER A 178 -11.97 4.69 6.26
CA SER A 178 -12.93 4.14 7.22
C SER A 178 -13.03 5.07 8.41
N ASP A 179 -14.26 5.47 8.75
CA ASP A 179 -14.54 6.25 9.94
C ASP A 179 -14.98 5.37 11.11
N TYR A 180 -14.58 4.10 11.10
CA TYR A 180 -14.93 3.18 12.16
C TYR A 180 -13.89 3.25 13.27
N PRO A 181 -14.25 3.68 14.47
CA PRO A 181 -13.25 3.87 15.53
C PRO A 181 -12.49 2.60 15.89
N PRO A 182 -13.16 1.45 16.07
CA PRO A 182 -12.40 0.24 16.43
C PRO A 182 -11.38 -0.17 15.38
N LEU A 183 -11.59 0.19 14.12
CA LEU A 183 -10.63 -0.17 13.07
C LEU A 183 -9.48 0.83 13.02
N ALA A 184 -9.79 2.13 13.12
CA ALA A 184 -8.73 3.14 13.07
C ALA A 184 -7.83 3.07 14.30
N THR A 185 -8.38 2.66 15.46
CA THR A 185 -7.57 2.51 16.65
C THR A 185 -6.53 1.41 16.48
N ASP A 186 -6.93 0.29 15.85
CA ASP A 186 -5.97 -0.78 15.58
C ASP A 186 -4.89 -0.34 14.61
N LEU A 187 -5.20 0.62 13.72
CA LEU A 187 -4.18 1.15 12.83
C LEU A 187 -3.24 2.10 13.55
N ARG A 188 -3.75 2.84 14.54
CA ARG A 188 -2.89 3.74 15.31
C ARG A 188 -1.84 2.97 16.10
N ARG A 189 -2.15 1.74 16.50
CA ARG A 189 -1.15 0.91 17.17
C ARG A 189 0.02 0.59 16.24
N ARG A 190 -0.23 0.53 14.94
CA ARG A 190 0.86 0.39 13.99
C ARG A 190 1.72 1.65 13.94
N PHE A 191 1.10 2.81 14.10
CA PHE A 191 1.84 4.06 14.12
C PHE A 191 2.75 4.15 15.34
N ASP A 192 2.29 3.60 16.48
CA ASP A 192 3.12 3.61 17.68
C ASP A 192 4.36 2.74 17.51
N THR A 193 4.28 1.71 16.67
CA THR A 193 5.43 0.85 16.43
C THR A 193 6.51 1.59 15.64
N PHE A 194 6.12 2.23 14.53
CA PHE A 194 7.09 2.91 13.68
C PHE A 194 7.61 4.19 14.33
N LYS A 195 6.81 4.82 15.19
CA LYS A 195 7.24 6.05 15.83
C LYS A 195 8.41 5.82 16.79
N ALA A 196 8.50 4.62 17.36
CA ALA A 196 9.56 4.32 18.32
C ALA A 196 10.94 4.30 17.69
N PHE A 197 11.03 4.18 16.37
CA PHE A 197 12.32 4.11 15.67
C PHE A 197 12.81 5.47 15.20
N ASN A 198 12.60 6.51 16.00
CA ASN A 198 13.11 7.84 15.67
C ASN A 198 14.62 7.89 15.85
N SER A 199 15.30 8.59 14.94
CA SER A 199 16.75 8.73 15.00
C SER A 199 17.08 9.92 15.89
N ALA A 200 16.95 9.70 17.20
CA ALA A 200 17.21 10.76 18.18
C ALA A 200 17.49 10.11 19.53
N LYS A 201 18.72 10.25 20.00
CA LYS A 201 19.17 9.79 21.33
C LYS A 201 18.89 8.29 21.44
N ASN A 202 18.34 7.82 22.56
CA ASN A 202 18.07 6.40 22.76
C ASN A 202 16.99 5.89 21.83
N ALA A 213 10.32 -1.78 25.29
CA ALA A 213 9.20 -0.98 25.78
C ALA A 213 8.04 -0.99 24.79
N LEU A 214 8.35 -1.29 23.54
CA LEU A 214 7.33 -1.34 22.49
C LEU A 214 6.45 -2.57 22.67
N PRO A 215 5.16 -2.41 22.92
CA PRO A 215 4.31 -3.60 23.11
C PRO A 215 3.97 -4.34 21.83
N VAL A 216 4.04 -3.67 20.67
CA VAL A 216 3.66 -4.26 19.39
C VAL A 216 2.26 -4.86 19.50
N SER A 217 1.29 -4.02 19.87
CA SER A 217 -0.05 -4.50 20.15
C SER A 217 -0.90 -4.50 18.89
N THR A 218 -1.86 -5.45 18.86
CA THR A 218 -2.84 -5.51 17.79
C THR A 218 -4.13 -6.06 18.37
N ALA A 219 -5.25 -5.62 17.79
CA ALA A 219 -6.56 -6.06 18.24
C ALA A 219 -7.27 -6.98 17.26
N TYR A 220 -6.90 -6.95 15.98
CA TYR A 220 -7.57 -7.76 14.97
C TYR A 220 -6.54 -8.31 13.99
N HIS A 221 -6.73 -9.57 13.61
CA HIS A 221 -5.87 -10.25 12.65
C HIS A 221 -6.73 -11.20 11.84
N ILE A 222 -6.07 -12.11 11.09
CA ILE A 222 -6.81 -13.06 10.28
C ILE A 222 -7.59 -14.05 11.13
N LYS A 223 -7.17 -14.25 12.39
CA LYS A 223 -7.87 -15.14 13.30
C LYS A 223 -9.01 -14.44 14.04
N ASN A 224 -9.07 -13.12 13.99
CA ASN A 224 -10.14 -12.36 14.64
C ASN A 224 -10.32 -11.04 13.91
N PRO A 225 -10.98 -11.05 12.75
CA PRO A 225 -11.22 -9.81 12.02
C PRO A 225 -12.33 -8.99 12.66
N ILE A 226 -12.40 -7.72 12.26
CA ILE A 226 -13.44 -6.80 12.71
C ILE A 226 -14.29 -6.45 11.51
N GLY A 227 -15.51 -6.97 11.48
CA GLY A 227 -16.38 -6.76 10.33
C GLY A 227 -15.83 -7.32 9.03
N GLY A 228 -15.00 -8.35 9.11
CA GLY A 228 -14.38 -8.89 7.92
C GLY A 228 -13.20 -8.11 7.43
N VAL A 229 -12.51 -7.39 8.31
CA VAL A 229 -11.36 -6.55 7.94
C VAL A 229 -10.29 -6.74 9.01
N PHE A 230 -9.03 -6.85 8.56
CA PHE A 230 -7.91 -6.94 9.48
C PHE A 230 -6.66 -6.40 8.79
N PHE A 231 -5.63 -6.14 9.60
CA PHE A 231 -4.37 -5.60 9.13
C PHE A 231 -3.27 -6.64 9.22
N THR A 232 -2.50 -6.78 8.15
CA THR A 232 -1.26 -7.55 8.16
C THR A 232 -0.08 -6.59 8.18
N ASP A 233 1.03 -7.04 8.77
CA ASP A 233 2.14 -6.15 9.08
C ASP A 233 3.44 -6.74 8.55
N SER A 234 4.48 -5.91 8.60
CA SER A 234 5.79 -6.25 8.04
C SER A 234 6.80 -5.27 8.63
N PRO A 235 8.07 -5.69 8.82
CA PRO A 235 8.65 -7.01 8.53
C PRO A 235 8.43 -8.01 9.66
N GLU A 236 9.20 -9.10 9.68
CA GLU A 236 9.00 -10.13 10.70
C GLU A 236 9.67 -9.75 12.01
N HIS A 237 10.83 -9.10 11.96
CA HIS A 237 11.52 -8.72 13.18
C HIS A 237 10.84 -7.56 13.90
N LEU A 238 9.80 -6.97 13.32
CA LEU A 238 8.99 -5.97 14.00
C LEU A 238 7.55 -6.47 14.20
N LEU A 239 7.31 -7.76 14.03
CA LEU A 239 5.96 -8.30 14.08
C LEU A 239 5.49 -8.57 15.50
N GLY A 240 6.40 -8.96 16.39
CA GLY A 240 6.00 -9.33 17.73
C GLY A 240 5.51 -10.77 17.78
N TYR A 241 4.57 -11.02 18.69
CA TYR A 241 4.00 -12.35 18.85
C TYR A 241 2.54 -12.45 18.46
N SER A 242 1.81 -11.33 18.36
CA SER A 242 0.39 -11.34 18.08
C SER A 242 0.04 -10.91 16.66
N ARG A 243 0.83 -10.04 16.05
CA ARG A 243 0.51 -9.55 14.72
C ARG A 243 0.76 -10.63 13.66
N ASP A 244 0.18 -10.42 12.49
CA ASP A 244 0.28 -11.35 11.37
C ASP A 244 1.27 -10.84 10.34
N LEU A 245 2.19 -11.72 9.93
CA LEU A 245 3.14 -11.37 8.88
C LEU A 245 2.44 -11.33 7.53
N ASP A 246 2.59 -10.21 6.83
CA ASP A 246 1.92 -10.07 5.54
C ASP A 246 2.45 -11.06 4.52
N THR A 247 3.71 -11.46 4.64
CA THR A 247 4.28 -12.44 3.71
C THR A 247 3.52 -13.76 3.77
N ASP A 248 3.22 -14.22 4.99
CA ASP A 248 2.52 -15.50 5.13
C ASP A 248 1.06 -15.39 4.71
N VAL A 249 0.40 -14.27 5.03
CA VAL A 249 -1.01 -14.14 4.72
C VAL A 249 -1.25 -14.07 3.22
N VAL A 250 -0.37 -13.38 2.50
CA VAL A 250 -0.53 -13.27 1.05
C VAL A 250 -0.31 -14.63 0.38
N ILE A 251 0.76 -15.32 0.78
CA ILE A 251 1.06 -16.63 0.18
C ILE A 251 -0.05 -17.63 0.50
N ASP A 252 -0.62 -17.53 1.71
CA ASP A 252 -1.71 -18.44 2.07
C ASP A 252 -2.93 -18.22 1.19
N LYS A 253 -3.25 -16.97 0.90
CA LYS A 253 -4.40 -16.68 0.05
C LYS A 253 -4.10 -16.99 -1.41
N LEU A 254 -2.84 -16.89 -1.83
CA LEU A 254 -2.47 -17.23 -3.19
C LEU A 254 -2.54 -18.75 -3.41
N LYS A 255 -2.14 -19.52 -2.41
CA LYS A 255 -2.20 -20.98 -2.54
C LYS A 255 -3.61 -21.51 -2.32
N SER A 256 -4.44 -20.80 -1.54
CA SER A 256 -5.82 -21.20 -1.32
C SER A 256 -6.75 -20.70 -2.42
N ALA A 257 -6.20 -20.16 -3.51
CA ALA A 257 -7.03 -19.70 -4.61
C ALA A 257 -7.68 -20.89 -5.31
N LYS A 258 -8.91 -20.67 -5.80
CA LYS A 258 -9.68 -21.72 -6.43
C LYS A 258 -10.18 -21.37 -7.83
N THR A 259 -10.33 -20.09 -8.15
CA THR A 259 -10.88 -19.71 -9.44
C THR A 259 -10.05 -18.63 -10.14
N SER A 260 -9.91 -17.47 -9.52
CA SER A 260 -9.27 -16.33 -10.17
C SER A 260 -8.25 -15.69 -9.24
N ILE A 261 -7.23 -15.09 -9.83
CA ILE A 261 -6.22 -14.31 -9.12
C ILE A 261 -5.94 -13.05 -9.93
N ASP A 262 -6.25 -11.89 -9.36
CA ASP A 262 -6.04 -10.61 -10.01
C ASP A 262 -5.06 -9.80 -9.19
N ILE A 263 -3.92 -9.45 -9.79
CA ILE A 263 -2.87 -8.71 -9.12
C ILE A 263 -2.51 -7.51 -9.98
N GLU A 264 -2.57 -6.32 -9.38
CA GLU A 264 -2.15 -5.08 -10.04
C GLU A 264 -1.06 -4.46 -9.16
N HIS A 265 0.17 -4.88 -9.39
CA HIS A 265 1.33 -4.36 -8.69
C HIS A 265 2.31 -3.74 -9.69
N LEU A 266 3.45 -3.28 -9.17
CA LEU A 266 4.44 -2.66 -10.03
C LEU A 266 5.26 -3.69 -10.80
N ALA A 267 5.55 -4.84 -10.17
CA ALA A 267 6.30 -5.90 -10.81
C ALA A 267 6.21 -7.15 -9.95
N ILE A 268 6.29 -8.31 -10.61
CA ILE A 268 6.34 -9.59 -9.91
C ILE A 268 7.68 -10.29 -10.18
N VAL A 269 8.68 -9.54 -10.62
CA VAL A 269 10.01 -10.10 -10.88
C VAL A 269 10.58 -10.62 -9.57
N PRO A 270 10.83 -11.93 -9.46
CA PRO A 270 11.24 -12.50 -8.17
C PRO A 270 12.66 -12.17 -7.76
N THR A 271 13.41 -11.39 -8.54
CA THR A 271 14.75 -10.98 -8.19
C THR A 271 14.83 -9.46 -8.19
N THR A 272 15.06 -8.89 -7.01
CA THR A 272 15.21 -7.45 -6.84
C THR A 272 16.60 -7.14 -6.31
N ARG A 273 17.16 -6.03 -6.78
CA ARG A 273 18.54 -5.67 -6.44
C ARG A 273 18.56 -4.90 -5.13
N VAL A 274 19.03 -5.55 -4.07
CA VAL A 274 19.27 -4.88 -2.79
C VAL A 274 20.69 -4.36 -2.79
N ASP A 275 20.86 -3.13 -2.28
CA ASP A 275 22.16 -2.45 -2.27
C ASP A 275 22.73 -2.38 -3.68
N GLY A 276 23.74 -3.20 -3.96
CA GLY A 276 24.33 -3.26 -5.28
C GLY A 276 24.49 -4.69 -5.79
N ASN A 277 23.75 -5.61 -5.19
CA ASN A 277 23.80 -7.02 -5.55
C ASN A 277 22.39 -7.53 -5.81
N SER A 278 22.30 -8.69 -6.43
CA SER A 278 21.03 -9.32 -6.76
C SER A 278 20.53 -10.16 -5.59
N TYR A 279 19.20 -10.22 -5.47
CA TYR A 279 18.56 -10.95 -4.38
C TYR A 279 17.43 -11.80 -4.97
N TYR A 280 17.60 -13.11 -4.90
CA TYR A 280 16.65 -14.06 -5.48
C TYR A 280 15.63 -14.47 -4.42
N TRP A 281 14.36 -14.25 -4.71
CA TRP A 281 13.29 -14.50 -3.73
C TRP A 281 12.01 -14.79 -4.50
N PRO A 282 11.77 -16.05 -4.86
CA PRO A 282 10.61 -16.38 -5.70
C PRO A 282 9.42 -16.87 -4.90
N ASP A 283 9.32 -16.49 -3.63
CA ASP A 283 8.28 -17.04 -2.76
C ASP A 283 6.89 -16.71 -3.29
N ILE A 284 6.64 -15.43 -3.59
CA ILE A 284 5.35 -15.05 -4.14
C ILE A 284 5.23 -15.49 -5.59
N TYR A 285 6.33 -15.41 -6.34
CA TYR A 285 6.30 -15.76 -7.76
C TYR A 285 5.99 -17.24 -7.97
N ASN A 286 6.36 -18.09 -7.02
CA ASN A 286 6.08 -19.52 -7.15
C ASN A 286 4.62 -19.83 -6.85
N SER A 287 4.07 -19.22 -5.79
CA SER A 287 2.69 -19.51 -5.40
C SER A 287 1.70 -19.08 -6.48
N ILE A 288 2.06 -18.09 -7.30
CA ILE A 288 1.18 -17.66 -8.37
C ILE A 288 1.18 -18.68 -9.50
N ILE A 289 2.36 -19.08 -9.96
CA ILE A 289 2.46 -20.05 -11.04
C ILE A 289 1.96 -21.42 -10.59
N GLU A 290 2.15 -21.75 -9.31
CA GLU A 290 1.58 -22.98 -8.78
C GLU A 290 0.06 -22.99 -8.91
N ALA A 291 -0.57 -21.82 -8.86
CA ALA A 291 -2.01 -21.76 -9.01
C ALA A 291 -2.44 -21.92 -10.47
N ALA A 292 -1.67 -21.34 -11.40
CA ALA A 292 -2.06 -21.36 -12.80
C ALA A 292 -1.81 -22.73 -13.44
N ILE A 293 -0.72 -23.40 -13.07
CA ILE A 293 -0.37 -24.67 -13.69
C ILE A 293 -1.00 -25.84 -12.95
N ASN A 294 -0.78 -25.93 -11.63
CA ASN A 294 -1.25 -27.09 -10.89
C ASN A 294 -2.74 -27.01 -10.59
N ARG A 295 -3.29 -25.82 -10.39
CA ARG A 295 -4.69 -25.65 -10.03
C ARG A 295 -5.51 -24.96 -11.10
N GLY A 296 -4.91 -24.59 -12.22
CA GLY A 296 -5.65 -24.04 -13.35
C GLY A 296 -6.40 -22.76 -13.03
N VAL A 297 -5.80 -21.88 -12.24
CA VAL A 297 -6.45 -20.63 -11.84
C VAL A 297 -6.27 -19.60 -12.94
N LYS A 298 -7.37 -18.99 -13.37
CA LYS A 298 -7.31 -17.89 -14.34
C LYS A 298 -6.71 -16.67 -13.66
N ILE A 299 -5.45 -16.36 -13.98
CA ILE A 299 -4.71 -15.29 -13.35
C ILE A 299 -4.48 -14.18 -14.37
N ARG A 300 -4.74 -12.95 -13.96
CA ARG A 300 -4.51 -11.77 -14.80
C ARG A 300 -3.62 -10.81 -14.02
N LEU A 301 -2.41 -10.59 -14.54
CA LEU A 301 -1.42 -9.74 -13.90
C LEU A 301 -1.30 -8.43 -14.67
N LEU A 302 -1.38 -7.32 -13.94
CA LEU A 302 -1.23 -5.98 -14.50
C LEU A 302 -0.04 -5.32 -13.81
N VAL A 303 1.14 -5.51 -14.39
CA VAL A 303 2.38 -5.01 -13.83
C VAL A 303 2.90 -3.87 -14.68
N GLY A 304 3.87 -3.13 -14.14
CA GLY A 304 4.48 -2.06 -14.88
C GLY A 304 5.47 -2.56 -15.93
N ASN A 305 5.81 -1.68 -16.86
CA ASN A 305 6.73 -2.05 -17.93
C ASN A 305 8.13 -2.27 -17.38
N TRP A 306 8.80 -3.28 -17.91
CA TRP A 306 10.13 -3.66 -17.45
C TRP A 306 11.21 -2.94 -18.25
N ASP A 307 12.43 -2.96 -17.71
CA ASP A 307 13.56 -2.32 -18.36
C ASP A 307 14.11 -3.20 -19.47
N LYS A 308 14.46 -2.56 -20.59
CA LYS A 308 15.04 -3.29 -21.71
C LYS A 308 16.45 -3.77 -21.42
N ASN A 309 17.15 -3.13 -20.47
CA ASN A 309 18.51 -3.48 -20.13
C ASN A 309 18.62 -4.39 -18.92
N ASP A 310 17.55 -4.56 -18.15
CA ASP A 310 17.57 -5.42 -16.97
C ASP A 310 17.37 -6.86 -17.43
N VAL A 311 18.46 -7.64 -17.44
CA VAL A 311 18.38 -9.04 -17.83
C VAL A 311 17.46 -9.83 -16.93
N TYR A 312 17.23 -9.35 -15.71
CA TYR A 312 16.36 -10.06 -14.78
C TYR A 312 14.89 -9.87 -15.14
N SER A 313 14.47 -8.63 -15.39
CA SER A 313 13.10 -8.40 -15.81
C SER A 313 12.81 -8.92 -17.21
N MET A 314 13.83 -9.07 -18.05
CA MET A 314 13.64 -9.63 -19.38
C MET A 314 13.26 -11.10 -19.30
N ALA A 315 14.04 -11.90 -18.57
CA ALA A 315 13.75 -13.33 -18.46
C ALA A 315 12.44 -13.57 -17.72
N THR A 316 12.10 -12.71 -16.76
CA THR A 316 10.81 -12.84 -16.07
C THR A 316 9.66 -12.65 -17.05
N ALA A 317 9.79 -11.66 -17.95
CA ALA A 317 8.71 -11.36 -18.87
C ALA A 317 8.56 -12.45 -19.94
N ARG A 318 9.69 -12.88 -20.52
CA ARG A 318 9.63 -13.88 -21.58
C ARG A 318 9.07 -15.21 -21.09
N SER A 319 9.14 -15.49 -19.79
CA SER A 319 8.59 -16.73 -19.28
C SER A 319 7.10 -16.61 -18.98
N LEU A 320 6.66 -15.43 -18.52
CA LEU A 320 5.23 -15.18 -18.41
C LEU A 320 4.56 -15.24 -19.78
N ASP A 321 5.29 -14.87 -20.83
CA ASP A 321 4.75 -14.95 -22.19
C ASP A 321 4.51 -16.39 -22.61
N ALA A 322 5.38 -17.31 -22.18
CA ALA A 322 5.19 -18.71 -22.51
C ALA A 322 4.07 -19.35 -21.69
N LEU A 323 3.83 -18.84 -20.48
CA LEU A 323 2.76 -19.37 -19.66
C LEU A 323 1.38 -18.95 -20.14
N CYS A 324 1.29 -17.78 -20.79
CA CYS A 324 0.01 -17.34 -21.36
C CYS A 324 -0.42 -18.20 -22.54
N VAL A 325 0.51 -18.94 -23.15
CA VAL A 325 0.15 -19.78 -24.28
C VAL A 325 -0.41 -21.12 -23.81
N GLN A 326 0.22 -21.74 -22.83
CA GLN A 326 -0.19 -23.06 -22.38
C GLN A 326 -1.33 -22.98 -21.36
N ASN A 327 -1.25 -22.04 -20.43
CA ASN A 327 -2.23 -21.92 -19.35
C ASN A 327 -3.13 -20.71 -19.59
N ASP A 328 -4.01 -20.46 -18.63
CA ASP A 328 -4.96 -19.36 -18.69
C ASP A 328 -4.40 -18.06 -18.12
N LEU A 329 -3.07 -17.92 -18.11
CA LEU A 329 -2.47 -16.69 -17.61
C LEU A 329 -2.60 -15.58 -18.64
N SER A 330 -2.84 -14.36 -18.14
CA SER A 330 -2.95 -13.18 -18.99
C SER A 330 -2.14 -12.06 -18.34
N VAL A 331 -1.33 -11.37 -19.15
CA VAL A 331 -0.43 -10.33 -18.65
C VAL A 331 -0.61 -9.07 -19.49
N LYS A 332 -0.76 -7.94 -18.82
CA LYS A 332 -0.77 -6.63 -19.46
C LYS A 332 0.14 -5.68 -18.69
N VAL A 333 0.78 -4.78 -19.42
CA VAL A 333 1.75 -3.86 -18.85
C VAL A 333 1.26 -2.44 -18.98
N PHE A 334 1.72 -1.57 -18.07
CA PHE A 334 1.41 -0.16 -18.10
C PHE A 334 2.69 0.65 -17.95
N THR A 335 2.68 1.87 -18.49
CA THR A 335 3.82 2.77 -18.41
C THR A 335 3.55 4.01 -17.57
N ILE A 336 2.32 4.23 -17.13
CA ILE A 336 2.00 5.43 -16.37
C ILE A 336 2.52 5.29 -14.95
N GLN A 337 2.57 6.42 -14.25
CA GLN A 337 2.93 6.44 -12.84
C GLN A 337 1.76 5.88 -12.03
N ASN A 338 1.92 4.67 -11.50
CA ASN A 338 0.85 4.01 -10.76
C ASN A 338 1.46 3.30 -9.55
N ASN A 339 0.97 3.65 -8.36
CA ASN A 339 1.42 3.03 -7.13
C ASN A 339 0.46 1.95 -6.64
N THR A 340 -0.56 1.61 -7.43
CA THR A 340 -1.57 0.64 -7.01
C THR A 340 -0.93 -0.72 -6.74
N LYS A 341 -1.27 -1.30 -5.59
CA LYS A 341 -0.82 -2.63 -5.20
C LYS A 341 -2.07 -3.40 -4.77
N LEU A 342 -2.72 -4.05 -5.72
CA LEU A 342 -4.00 -4.70 -5.50
C LEU A 342 -3.88 -6.22 -5.67
N LEU A 343 -4.68 -6.94 -4.89
CA LEU A 343 -4.73 -8.39 -4.96
C LEU A 343 -6.16 -8.84 -4.67
N ILE A 344 -6.72 -9.65 -5.57
CA ILE A 344 -8.08 -10.17 -5.44
C ILE A 344 -8.05 -11.66 -5.72
N VAL A 345 -8.65 -12.44 -4.83
CA VAL A 345 -8.63 -13.90 -4.91
C VAL A 345 -10.06 -14.40 -4.87
N ASP A 346 -10.49 -15.08 -5.92
CA ASP A 346 -11.78 -15.79 -5.98
C ASP A 346 -12.97 -14.87 -5.79
N ASP A 347 -12.80 -13.56 -6.02
CA ASP A 347 -13.85 -12.57 -5.77
C ASP A 347 -14.37 -12.66 -4.34
N GLU A 348 -13.46 -13.01 -3.42
CA GLU A 348 -13.81 -13.23 -2.03
C GLU A 348 -12.85 -12.58 -1.05
N TYR A 349 -11.61 -12.31 -1.44
CA TYR A 349 -10.61 -11.71 -0.56
C TYR A 349 -9.88 -10.62 -1.33
N VAL A 350 -9.62 -9.51 -0.65
CA VAL A 350 -8.94 -8.36 -1.26
C VAL A 350 -7.76 -7.97 -0.38
N HIS A 351 -6.68 -7.52 -1.02
CA HIS A 351 -5.44 -7.17 -0.35
C HIS A 351 -4.85 -5.93 -1.01
N ILE A 352 -5.06 -4.77 -0.38
CA ILE A 352 -4.51 -3.50 -0.85
C ILE A 352 -3.37 -3.11 0.08
N THR A 353 -2.21 -2.84 -0.49
CA THR A 353 -1.01 -2.54 0.31
C THR A 353 -0.23 -1.42 -0.39
N SER A 354 0.78 -0.92 0.32
CA SER A 354 1.69 0.06 -0.25
C SER A 354 2.97 -0.58 -0.80
N ALA A 355 3.26 -1.81 -0.42
CA ALA A 355 4.47 -2.50 -0.86
C ALA A 355 4.19 -3.33 -2.11
N ASN A 356 5.27 -3.72 -2.77
CA ASN A 356 5.22 -4.51 -3.99
C ASN A 356 5.59 -5.96 -3.70
N PHE A 357 4.99 -6.89 -4.43
CA PHE A 357 5.27 -8.31 -4.27
C PHE A 357 6.67 -8.65 -4.77
N ASP A 358 7.67 -8.56 -3.89
CA ASP A 358 9.05 -8.88 -4.25
C ASP A 358 9.81 -9.19 -2.97
N GLY A 359 11.09 -9.51 -3.13
CA GLY A 359 11.94 -9.89 -2.02
C GLY A 359 12.37 -8.74 -1.14
N THR A 360 12.72 -7.61 -1.74
CA THR A 360 13.20 -6.47 -0.96
C THR A 360 12.12 -5.94 -0.02
N HIS A 361 10.87 -5.94 -0.46
CA HIS A 361 9.79 -5.37 0.34
C HIS A 361 9.38 -6.29 1.48
N TYR A 362 8.97 -7.52 1.16
CA TYR A 362 8.42 -8.43 2.15
C TYR A 362 9.47 -9.11 3.01
N GLN A 363 10.73 -8.65 2.98
CA GLN A 363 11.76 -9.17 3.85
C GLN A 363 12.42 -8.13 4.73
N ASN A 364 12.28 -6.84 4.41
CA ASN A 364 12.96 -5.79 5.16
C ASN A 364 12.05 -4.60 5.41
N HIS A 365 11.27 -4.21 4.41
CA HIS A 365 10.47 -2.99 4.49
C HIS A 365 9.34 -3.14 5.49
N GLY A 366 9.05 -2.06 6.21
CA GLY A 366 7.97 -2.04 7.18
C GLY A 366 6.75 -1.31 6.68
N PHE A 367 5.61 -2.00 6.59
CA PHE A 367 4.40 -1.41 6.05
C PHE A 367 3.19 -2.07 6.68
N VAL A 368 2.03 -1.44 6.49
CA VAL A 368 0.75 -1.96 6.95
C VAL A 368 -0.12 -2.22 5.73
N SER A 369 -0.73 -3.39 5.68
CA SER A 369 -1.52 -3.81 4.53
C SER A 369 -2.98 -4.01 4.94
N PHE A 370 -3.87 -3.62 4.03
CA PHE A 370 -5.31 -3.75 4.25
C PHE A 370 -5.78 -5.12 3.75
N ASN A 371 -6.57 -5.79 4.56
CA ASN A 371 -7.13 -7.10 4.21
C ASN A 371 -8.61 -7.11 4.54
N SER A 372 -9.41 -7.68 3.64
CA SER A 372 -10.85 -7.73 3.84
C SER A 372 -11.44 -8.89 3.06
N ILE A 373 -12.44 -9.54 3.65
CA ILE A 373 -13.17 -10.62 3.02
C ILE A 373 -14.64 -10.29 2.82
N ASP A 374 -15.03 -9.04 3.08
CA ASP A 374 -16.41 -8.61 2.89
C ASP A 374 -16.77 -8.67 1.41
N LYS A 375 -17.82 -9.43 1.08
CA LYS A 375 -18.18 -9.63 -0.31
C LYS A 375 -18.54 -8.32 -1.01
N GLN A 376 -19.16 -7.39 -0.29
CA GLN A 376 -19.56 -6.13 -0.92
C GLN A 376 -18.36 -5.24 -1.18
N LEU A 377 -17.36 -5.27 -0.29
CA LEU A 377 -16.17 -4.46 -0.51
C LEU A 377 -15.26 -5.08 -1.57
N VAL A 378 -15.18 -6.42 -1.60
CA VAL A 378 -14.37 -7.09 -2.61
C VAL A 378 -14.98 -6.90 -4.00
N SER A 379 -16.31 -6.86 -4.09
CA SER A 379 -16.94 -6.67 -5.40
C SER A 379 -16.62 -5.29 -5.97
N GLU A 380 -16.54 -4.28 -5.10
CA GLU A 380 -16.16 -2.95 -5.56
C GLU A 380 -14.70 -2.92 -6.03
N ALA A 381 -13.84 -3.70 -5.38
CA ALA A 381 -12.45 -3.79 -5.83
C ALA A 381 -12.34 -4.56 -7.14
N LYS A 382 -13.21 -5.56 -7.35
CA LYS A 382 -13.23 -6.27 -8.61
C LYS A 382 -13.58 -5.34 -9.76
N LYS A 383 -14.50 -4.40 -9.53
CA LYS A 383 -14.84 -3.42 -10.55
C LYS A 383 -13.64 -2.55 -10.91
N ILE A 384 -12.78 -2.26 -9.94
CA ILE A 384 -11.62 -1.41 -10.22
C ILE A 384 -10.61 -2.16 -11.07
N PHE A 385 -10.41 -3.45 -10.80
CA PHE A 385 -9.44 -4.22 -11.58
C PHE A 385 -9.94 -4.44 -13.01
N GLU A 386 -11.24 -4.68 -13.18
CA GLU A 386 -11.79 -4.85 -14.51
C GLU A 386 -11.64 -3.57 -15.33
N ARG A 387 -11.81 -2.41 -14.69
CA ARG A 387 -11.62 -1.15 -15.38
C ARG A 387 -10.18 -0.96 -15.81
N ASP A 388 -9.23 -1.28 -14.93
CA ASP A 388 -7.82 -1.08 -15.24
C ASP A 388 -7.32 -2.10 -16.26
N TRP A 389 -7.93 -3.29 -16.30
CA TRP A 389 -7.46 -4.33 -17.21
C TRP A 389 -7.74 -3.98 -18.66
N VAL A 390 -8.87 -3.32 -18.92
CA VAL A 390 -9.24 -2.92 -20.27
C VAL A 390 -8.96 -1.44 -20.53
N SER A 391 -8.22 -0.79 -19.65
CA SER A 391 -7.90 0.62 -19.83
C SER A 391 -6.94 0.81 -21.00
N SER A 392 -6.95 2.01 -21.56
CA SER A 392 -6.06 2.34 -22.67
C SER A 392 -4.60 2.33 -22.24
N HIS A 393 -4.32 2.52 -20.96
CA HIS A 393 -2.96 2.50 -20.44
C HIS A 393 -2.46 1.09 -20.15
N SER A 394 -3.22 0.07 -20.50
CA SER A 394 -2.87 -1.32 -20.22
C SER A 394 -2.88 -2.10 -21.54
N LYS A 395 -1.73 -2.15 -22.20
CA LYS A 395 -1.59 -2.93 -23.43
C LYS A 395 -1.11 -4.34 -23.09
N SER A 396 -1.44 -5.28 -23.98
CA SER A 396 -1.04 -6.66 -23.77
C SER A 396 0.48 -6.81 -23.85
N LEU A 397 1.01 -7.73 -23.06
CA LEU A 397 2.46 -7.95 -23.03
C LEU A 397 2.94 -8.50 -24.37
N LYS A 398 3.95 -7.84 -24.93
CA LYS A 398 4.55 -8.25 -26.19
C LYS A 398 6.07 -8.22 -26.06
N ILE A 399 6.72 -9.25 -26.58
CA ILE A 399 8.17 -9.38 -26.49
C ILE A 399 8.74 -9.79 -27.85
C1 GOL B . 8.85 1.98 -2.25
O1 GOL B . 7.67 2.59 -1.79
C2 GOL B . 10.05 2.79 -1.80
O2 GOL B . 11.22 2.18 -2.26
C3 GOL B . 9.93 4.22 -2.31
O3 GOL B . 9.85 4.17 -3.73
C1 CIT C . 8.43 11.18 -6.33
O1 CIT C . 8.45 12.00 -5.39
O2 CIT C . 8.02 11.40 -7.49
C2 CIT C . 8.92 9.75 -6.04
C3 CIT C . 7.99 8.90 -5.15
O7 CIT C . 7.77 9.63 -3.96
C4 CIT C . 6.65 8.61 -5.83
C5 CIT C . 5.45 9.37 -5.26
O3 CIT C . 4.51 8.71 -4.78
O4 CIT C . 5.49 10.63 -5.33
C6 CIT C . 8.72 7.55 -4.87
O5 CIT C . 9.02 6.87 -5.88
O6 CIT C . 8.94 7.23 -3.69
C1 GOL D . -4.24 0.97 24.67
O1 GOL D . -5.44 0.30 24.34
C2 GOL D . -3.52 1.37 23.40
O2 GOL D . -4.47 1.75 22.43
C3 GOL D . -2.61 0.25 22.91
O3 GOL D . -3.37 -0.95 22.88
C1 GOL E . -9.02 -13.60 -21.41
O1 GOL E . -8.48 -14.32 -22.50
C2 GOL E . -8.36 -12.23 -21.35
O2 GOL E . -8.73 -11.50 -22.50
C3 GOL E . -8.78 -11.51 -20.08
O3 GOL E . -10.20 -11.51 -20.02
C13 A1I9D F . 12.01 -19.34 -12.35
C15 A1I9D F . 9.90 -19.99 -12.31
C17 A1I9D F . 9.08 -19.30 -14.73
C20 A1I9D F . 7.91 -20.25 -16.70
C21 A1I9D F . 7.85 -21.42 -17.69
C22 A1I9D F . 7.60 -22.79 -17.06
C24 A1I9D F . 8.91 -22.75 -14.88
C26 A1I9D F . 8.57 -20.56 -11.83
C28 A1I9D F . 13.43 -19.10 -11.89
C01 A1I9D F . 14.85 -12.33 -12.43
C02 A1I9D F . 14.56 -13.72 -13.01
C03 A1I9D F . 13.36 -14.32 -12.70
C04 A1I9D F . 13.05 -15.57 -13.19
C05 A1I9D F . 13.95 -16.24 -14.02
C06 A1I9D F . 15.16 -15.61 -14.32
C07 A1I9D F . 15.47 -14.37 -13.82
C12 A1I9D F . 11.44 -19.04 -13.60
C16 A1I9D F . 10.14 -19.43 -13.57
C23 A1I9D F . 7.52 -22.79 -15.54
C25 A1I9D F . 9.74 -21.58 -15.40
C27 A1I9D F . 11.20 -20.38 -10.25
N08 A1I9D F . 13.74 -17.57 -14.60
N14 A1I9D F . 11.04 -19.92 -11.61
N19 A1I9D F . 8.91 -20.43 -15.66
O10 A1I9D F . 12.32 -19.20 -16.15
O11 A1I9D F . 11.35 -17.22 -15.59
O18 A1I9D F . 8.44 -18.32 -14.86
S09 A1I9D F . 12.24 -18.25 -15.04
CL29 A1I9D F . 11.45 -16.19 -12.69
#